data_3OUX
#
_entry.id   3OUX
#
_cell.length_a   115.56
_cell.length_b   115.56
_cell.length_c   195.93
_cell.angle_alpha   90.00
_cell.angle_beta   90.00
_cell.angle_gamma   90.00
#
_symmetry.space_group_name_H-M   'I 4 2 2'
#
loop_
_entity.id
_entity.type
_entity.pdbx_description
1 polymer 'Catenin beta-1'
2 polymer 'Lymphoid enhancer-binding factor 1'
3 water water
#
loop_
_entity_poly.entity_id
_entity_poly.type
_entity_poly.pdbx_seq_one_letter_code
_entity_poly.pdbx_strand_id
1 'polypeptide(L)'
;GSHAVVNLINYQDDAELATRAIPELTKLLNDEDQVVVNKAAVMVHQLSKKEASRHAIMRSPQMVSAIVRTMQNTNDVETA
RCTAGTLHNLSHHREGLLAIFKSGGIPALVKMLGSPVDSVLFYAITTLHNLLLHQEGAKMAVRLAGGLQKMVALLNKTNV
KFLAITTDCLQILAYGNQESKLIILASGGPQALVNIMRTYTYEKLLWTTSRVLKVLSVCSSNKPAIVEAGGMQALGLHLT
DPSQRLVQNCLWTLRNLSDAATKQEGMEGLLGTLVQLLGSDDINVVTCAAGILSNLTCNNYKNKMMVCQVGGIEALVRTV
LRAGDREDITEPAICALRHLTSRHQEAEMAQNAVRLHYGLPVVVKLLHPPSHWPLIKATVGLIRNLALCPANHAPLREQG
AIPRLVQLLVRAHQDTQRRTSMGGTQQQFVEGVRMEEIVEGCTGALHILARDVHNRIVIRGLNTIPLFVQLLYSPIENIQ
RVAAGVLCELAQDKEAAEAIEAEGATAPLTELLHSRNEGVATYAAAVLFRMSEDKPQDYK
;
A
2 'polypeptide(L)' GAMGMPQLSGGGGGGDPELCATDEMIPFKDEGDPQKEKIFAEISHPEEEGDLADIKSSLVNESEIIP B
#
# COMPACT_ATOMS: atom_id res chain seq x y z
N ARG A 20 45.79 -34.68 -12.84
CA ARG A 20 46.17 -35.88 -12.11
C ARG A 20 45.86 -37.15 -12.91
N ALA A 21 45.80 -38.28 -12.21
CA ALA A 21 45.33 -39.53 -12.81
C ALA A 21 43.83 -39.65 -12.59
N ILE A 22 43.27 -38.62 -11.94
CA ILE A 22 41.83 -38.52 -11.71
C ILE A 22 41.09 -37.94 -12.94
N PRO A 23 41.74 -37.04 -13.69
CA PRO A 23 41.26 -36.65 -15.02
C PRO A 23 41.18 -37.84 -15.99
N GLU A 24 42.09 -38.80 -15.86
CA GLU A 24 42.08 -39.99 -16.70
C GLU A 24 40.90 -40.90 -16.38
N LEU A 25 40.46 -40.88 -15.13
CA LEU A 25 39.31 -41.66 -14.70
C LEU A 25 38.01 -40.98 -15.11
N THR A 26 37.99 -39.66 -15.03
CA THR A 26 36.83 -38.87 -15.45
C THR A 26 36.51 -39.15 -16.91
N LYS A 27 37.56 -39.42 -17.69
CA LYS A 27 37.40 -39.71 -19.11
C LYS A 27 36.35 -40.78 -19.36
N LEU A 28 36.65 -42.01 -18.93
CA LEU A 28 35.71 -43.10 -19.07
C LEU A 28 34.37 -42.77 -18.41
N LEU A 29 34.42 -41.88 -17.41
CA LEU A 29 33.22 -41.47 -16.71
C LEU A 29 32.26 -40.72 -17.63
N ASN A 30 32.80 -40.09 -18.67
CA ASN A 30 31.98 -39.35 -19.62
C ASN A 30 31.15 -40.27 -20.50
N ASP A 31 31.65 -41.47 -20.77
CA ASP A 31 30.97 -42.42 -21.63
C ASP A 31 29.75 -43.02 -20.94
N GLU A 32 29.63 -44.34 -21.00
CA GLU A 32 28.49 -45.04 -20.41
C GLU A 32 27.18 -44.59 -21.03
N ASP A 33 26.95 -44.98 -22.28
CA ASP A 33 25.73 -44.62 -23.01
C ASP A 33 24.84 -45.83 -23.23
N GLN A 34 24.12 -46.24 -22.19
CA GLN A 34 23.19 -47.37 -22.24
C GLN A 34 22.46 -47.50 -20.90
N VAL A 35 22.27 -48.73 -20.44
CA VAL A 35 21.83 -48.96 -19.08
C VAL A 35 23.05 -48.72 -18.20
N VAL A 36 24.21 -48.74 -18.85
CA VAL A 36 25.49 -48.47 -18.20
C VAL A 36 25.44 -47.16 -17.43
N VAL A 37 24.95 -46.13 -18.10
CA VAL A 37 24.88 -44.79 -17.54
C VAL A 37 24.45 -44.79 -16.07
N ASN A 38 23.26 -45.32 -15.81
CA ASN A 38 22.66 -45.29 -14.47
C ASN A 38 23.62 -45.47 -13.30
N LYS A 39 24.64 -46.29 -13.49
CA LYS A 39 25.60 -46.57 -12.42
C LYS A 39 26.67 -45.48 -12.37
N ALA A 40 27.16 -45.09 -13.54
CA ALA A 40 28.19 -44.07 -13.65
C ALA A 40 27.81 -42.77 -12.94
N ALA A 41 26.52 -42.44 -12.99
CA ALA A 41 26.02 -41.24 -12.32
C ALA A 41 26.26 -41.32 -10.82
N VAL A 42 25.92 -42.47 -10.23
CA VAL A 42 26.11 -42.70 -8.81
C VAL A 42 27.59 -42.57 -8.45
N MET A 43 28.46 -43.00 -9.36
CA MET A 43 29.89 -42.99 -9.12
C MET A 43 30.44 -41.57 -9.16
N VAL A 44 30.07 -40.82 -10.19
CA VAL A 44 30.47 -39.42 -10.31
C VAL A 44 29.93 -38.62 -9.13
N HIS A 45 28.65 -38.78 -8.85
CA HIS A 45 28.00 -38.06 -7.74
C HIS A 45 28.76 -38.22 -6.43
N GLN A 46 29.18 -39.46 -6.15
CA GLN A 46 29.88 -39.78 -4.91
C GLN A 46 31.25 -39.13 -4.87
N LEU A 47 31.94 -39.12 -6.01
CA LEU A 47 33.25 -38.51 -6.10
C LEU A 47 33.21 -36.98 -5.99
N SER A 48 32.03 -36.39 -6.16
CA SER A 48 31.87 -34.94 -6.10
C SER A 48 31.86 -34.44 -4.66
N LYS A 49 31.73 -35.38 -3.73
CA LYS A 49 31.63 -35.05 -2.31
C LYS A 49 32.94 -34.54 -1.73
N LYS A 50 34.06 -34.95 -2.32
CA LYS A 50 35.36 -34.55 -1.81
C LYS A 50 35.61 -33.06 -1.99
N GLU A 51 36.61 -32.54 -1.29
CA GLU A 51 36.94 -31.12 -1.37
C GLU A 51 37.82 -30.82 -2.57
N ALA A 52 38.75 -31.73 -2.85
CA ALA A 52 39.62 -31.58 -4.01
C ALA A 52 39.12 -32.42 -5.18
N SER A 53 38.40 -33.49 -4.87
CA SER A 53 37.80 -34.32 -5.91
C SER A 53 36.64 -33.55 -6.55
N ARG A 54 36.38 -32.35 -6.03
CA ARG A 54 35.42 -31.45 -6.64
C ARG A 54 36.15 -30.54 -7.62
N HIS A 55 37.47 -30.45 -7.46
CA HIS A 55 38.28 -29.60 -8.32
C HIS A 55 38.67 -30.29 -9.60
N ALA A 56 39.07 -31.55 -9.50
CA ALA A 56 39.53 -32.31 -10.67
C ALA A 56 38.45 -32.42 -11.73
N ILE A 57 37.20 -32.30 -11.31
CA ILE A 57 36.06 -32.42 -12.20
C ILE A 57 35.66 -31.07 -12.77
N MET A 58 36.18 -30.00 -12.17
CA MET A 58 35.92 -28.63 -12.62
C MET A 58 36.50 -28.36 -14.00
N ARG A 59 37.72 -28.83 -14.25
CA ARG A 59 38.40 -28.55 -15.51
C ARG A 59 38.18 -29.65 -16.55
N SER A 60 37.10 -30.42 -16.36
CA SER A 60 36.66 -31.37 -17.36
C SER A 60 35.28 -30.95 -17.84
N PRO A 61 35.22 -29.93 -18.71
CA PRO A 61 33.98 -29.37 -19.26
C PRO A 61 33.21 -30.46 -19.99
N GLN A 62 33.94 -31.45 -20.51
CA GLN A 62 33.32 -32.63 -21.09
C GLN A 62 32.48 -33.33 -20.04
N MET A 63 33.00 -33.41 -18.82
CA MET A 63 32.27 -34.02 -17.71
C MET A 63 31.19 -33.08 -17.19
N VAL A 64 31.56 -31.83 -16.93
CA VAL A 64 30.59 -30.85 -16.49
C VAL A 64 29.38 -30.89 -17.40
N SER A 65 29.63 -30.91 -18.70
CA SER A 65 28.58 -30.92 -19.72
C SER A 65 27.89 -32.29 -19.83
N ALA A 66 28.59 -33.34 -19.43
CA ALA A 66 28.02 -34.69 -19.42
C ALA A 66 27.07 -34.86 -18.23
N ILE A 67 27.52 -34.41 -17.06
CA ILE A 67 26.70 -34.42 -15.87
C ILE A 67 25.36 -33.77 -16.10
N VAL A 68 25.36 -32.74 -16.95
CA VAL A 68 24.19 -31.92 -17.25
C VAL A 68 23.30 -32.55 -18.30
N ARG A 69 23.92 -33.09 -19.33
CA ARG A 69 23.19 -33.77 -20.40
C ARG A 69 22.45 -34.95 -19.80
N THR A 70 23.17 -35.75 -19.03
CA THR A 70 22.59 -36.92 -18.40
C THR A 70 21.34 -36.58 -17.61
N MET A 71 21.46 -35.60 -16.73
CA MET A 71 20.35 -35.21 -15.87
C MET A 71 19.17 -34.69 -16.69
N GLN A 72 19.46 -33.84 -17.66
CA GLN A 72 18.43 -33.32 -18.55
C GLN A 72 17.64 -34.47 -19.16
N ASN A 73 18.36 -35.42 -19.77
CA ASN A 73 17.74 -36.52 -20.51
C ASN A 73 17.29 -37.71 -19.66
N THR A 74 18.14 -38.15 -18.73
CA THR A 74 17.88 -39.35 -17.92
C THR A 74 16.45 -39.41 -17.38
N ASN A 75 15.80 -40.55 -17.58
CA ASN A 75 14.45 -40.76 -17.08
C ASN A 75 14.40 -41.87 -16.05
N ASP A 76 15.52 -42.07 -15.35
CA ASP A 76 15.58 -42.87 -14.13
C ASP A 76 15.76 -41.91 -12.95
N VAL A 77 14.89 -42.03 -11.94
CA VAL A 77 14.79 -41.04 -10.86
C VAL A 77 16.07 -40.77 -10.06
N GLU A 78 16.70 -41.82 -9.54
CA GLU A 78 17.92 -41.67 -8.75
C GLU A 78 19.10 -41.13 -9.57
N THR A 79 19.14 -41.47 -10.85
CA THR A 79 20.15 -40.95 -11.76
C THR A 79 20.17 -39.43 -11.73
N ALA A 80 18.97 -38.83 -11.76
CA ALA A 80 18.84 -37.38 -11.72
C ALA A 80 19.37 -36.78 -10.41
N ARG A 81 18.95 -37.34 -9.28
CA ARG A 81 19.36 -36.82 -7.97
C ARG A 81 20.88 -36.91 -7.78
N CYS A 82 21.54 -37.76 -8.56
CA CYS A 82 22.98 -37.90 -8.46
C CYS A 82 23.69 -36.86 -9.32
N THR A 83 23.15 -36.61 -10.51
CA THR A 83 23.68 -35.54 -11.35
C THR A 83 23.40 -34.19 -10.69
N ALA A 84 22.14 -33.96 -10.34
CA ALA A 84 21.75 -32.74 -9.62
C ALA A 84 22.65 -32.49 -8.42
N GLY A 85 22.67 -33.44 -7.49
CA GLY A 85 23.50 -33.34 -6.31
C GLY A 85 24.90 -32.90 -6.66
N THR A 86 25.45 -33.50 -7.70
CA THR A 86 26.79 -33.19 -8.17
C THR A 86 26.97 -31.67 -8.30
N LEU A 87 26.10 -31.06 -9.10
CA LEU A 87 26.23 -29.64 -9.44
C LEU A 87 26.15 -28.74 -8.21
N HIS A 88 25.38 -29.16 -7.21
CA HIS A 88 25.20 -28.36 -6.00
C HIS A 88 26.53 -28.26 -5.24
N ASN A 89 27.23 -29.38 -5.16
CA ASN A 89 28.56 -29.40 -4.55
C ASN A 89 29.44 -28.35 -5.22
N LEU A 90 29.43 -28.35 -6.55
CA LEU A 90 30.26 -27.45 -7.34
C LEU A 90 29.78 -26.00 -7.33
N SER A 91 28.54 -25.78 -6.90
CA SER A 91 27.96 -24.44 -6.92
C SER A 91 28.41 -23.58 -5.75
N HIS A 92 29.41 -24.06 -5.03
CA HIS A 92 29.91 -23.39 -3.83
C HIS A 92 31.10 -22.46 -4.10
N HIS A 93 31.99 -22.87 -5.01
CA HIS A 93 33.19 -22.09 -5.33
C HIS A 93 32.95 -21.10 -6.48
N ARG A 94 33.70 -19.99 -6.48
CA ARG A 94 33.52 -18.92 -7.47
C ARG A 94 33.88 -19.33 -8.89
N GLU A 95 34.68 -20.40 -9.01
CA GLU A 95 34.99 -20.97 -10.32
C GLU A 95 34.02 -22.10 -10.60
N GLY A 96 33.37 -22.58 -9.54
CA GLY A 96 32.45 -23.71 -9.65
C GLY A 96 31.18 -23.38 -10.40
N LEU A 97 30.53 -22.29 -10.02
CA LEU A 97 29.31 -21.89 -10.70
C LEU A 97 29.63 -21.48 -12.13
N LEU A 98 30.77 -20.82 -12.29
CA LEU A 98 31.17 -20.31 -13.59
C LEU A 98 31.02 -21.36 -14.69
N ALA A 99 31.52 -22.56 -14.44
CA ALA A 99 31.47 -23.63 -15.43
C ALA A 99 30.09 -24.32 -15.42
N ILE A 100 29.41 -24.21 -14.29
CA ILE A 100 28.03 -24.69 -14.19
C ILE A 100 27.20 -23.93 -15.21
N PHE A 101 27.45 -22.62 -15.29
CA PHE A 101 26.79 -21.77 -16.26
C PHE A 101 27.27 -22.10 -17.67
N LYS A 102 28.59 -22.03 -17.88
CA LYS A 102 29.17 -22.16 -19.22
C LYS A 102 28.87 -23.51 -19.86
N SER A 103 28.51 -24.50 -19.05
CA SER A 103 28.19 -25.84 -19.56
C SER A 103 26.68 -26.01 -19.80
N GLY A 104 25.93 -24.93 -19.65
CA GLY A 104 24.50 -24.92 -19.94
C GLY A 104 23.60 -25.57 -18.90
N GLY A 105 24.13 -25.80 -17.71
CA GLY A 105 23.39 -26.49 -16.66
C GLY A 105 22.13 -25.77 -16.24
N ILE A 106 22.12 -24.45 -16.39
CA ILE A 106 20.99 -23.64 -15.93
C ILE A 106 19.64 -24.06 -16.53
N PRO A 107 19.54 -24.05 -17.87
CA PRO A 107 18.28 -24.45 -18.50
C PRO A 107 17.87 -25.86 -18.09
N ALA A 108 18.86 -26.71 -17.83
CA ALA A 108 18.60 -28.07 -17.39
C ALA A 108 18.10 -28.08 -15.94
N LEU A 109 18.81 -27.37 -15.08
CA LEU A 109 18.34 -27.15 -13.71
C LEU A 109 16.88 -26.76 -13.73
N VAL A 110 16.60 -25.71 -14.49
CA VAL A 110 15.25 -25.18 -14.59
C VAL A 110 14.30 -26.22 -15.15
N LYS A 111 14.79 -27.10 -16.02
CA LYS A 111 13.96 -28.19 -16.51
C LYS A 111 13.60 -29.14 -15.36
N MET A 112 14.54 -29.34 -14.44
CA MET A 112 14.38 -30.26 -13.32
C MET A 112 13.38 -29.77 -12.28
N LEU A 113 12.93 -28.53 -12.44
CA LEU A 113 11.96 -27.95 -11.52
C LEU A 113 10.56 -28.53 -11.76
N GLY A 114 10.44 -29.39 -12.76
CA GLY A 114 9.19 -30.08 -13.02
C GLY A 114 9.16 -31.48 -12.42
N SER A 115 10.31 -31.94 -11.96
CA SER A 115 10.44 -33.29 -11.42
C SER A 115 9.42 -33.61 -10.33
N PRO A 116 9.16 -34.91 -10.11
CA PRO A 116 8.32 -35.33 -8.99
C PRO A 116 9.18 -35.46 -7.74
N VAL A 117 10.37 -36.04 -7.90
CA VAL A 117 11.26 -36.32 -6.77
C VAL A 117 11.67 -35.05 -6.02
N ASP A 118 11.27 -34.95 -4.76
CA ASP A 118 11.59 -33.79 -3.94
C ASP A 118 13.09 -33.65 -3.65
N SER A 119 13.81 -34.77 -3.67
CA SER A 119 15.25 -34.71 -3.47
C SER A 119 15.90 -33.97 -4.64
N VAL A 120 15.30 -34.16 -5.82
CA VAL A 120 15.75 -33.48 -7.03
C VAL A 120 15.43 -31.99 -6.92
N LEU A 121 14.15 -31.69 -6.64
CA LEU A 121 13.69 -30.30 -6.56
C LEU A 121 14.52 -29.47 -5.59
N PHE A 122 14.92 -30.08 -4.49
CA PHE A 122 15.70 -29.36 -3.48
C PHE A 122 17.08 -29.01 -4.03
N TYR A 123 17.73 -29.97 -4.68
CA TYR A 123 18.99 -29.68 -5.32
C TYR A 123 18.84 -28.59 -6.39
N ALA A 124 17.87 -28.78 -7.28
CA ALA A 124 17.66 -27.86 -8.39
C ALA A 124 17.48 -26.42 -7.94
N ILE A 125 16.66 -26.21 -6.91
CA ILE A 125 16.37 -24.86 -6.43
C ILE A 125 17.52 -24.22 -5.65
N THR A 126 18.25 -25.01 -4.87
CA THR A 126 19.34 -24.50 -4.07
C THR A 126 20.48 -24.09 -4.97
N THR A 127 20.71 -24.90 -5.99
CA THR A 127 21.74 -24.59 -6.98
C THR A 127 21.37 -23.32 -7.76
N LEU A 128 20.12 -23.25 -8.24
CA LEU A 128 19.66 -22.05 -8.95
C LEU A 128 19.81 -20.81 -8.09
N HIS A 129 19.51 -20.94 -6.81
CA HIS A 129 19.66 -19.81 -5.90
C HIS A 129 21.10 -19.36 -5.97
N ASN A 130 22.02 -20.26 -5.63
CA ASN A 130 23.44 -19.94 -5.62
C ASN A 130 23.83 -19.16 -6.87
N LEU A 131 23.43 -19.67 -8.02
CA LEU A 131 23.73 -19.03 -9.30
C LEU A 131 23.21 -17.59 -9.40
N LEU A 132 21.99 -17.35 -8.92
CA LEU A 132 21.38 -16.04 -9.06
C LEU A 132 22.10 -15.00 -8.21
N LEU A 133 22.48 -15.43 -7.02
CA LEU A 133 23.19 -14.58 -6.08
C LEU A 133 24.55 -14.16 -6.60
N HIS A 134 25.21 -15.05 -7.32
CA HIS A 134 26.63 -14.84 -7.61
C HIS A 134 27.05 -14.86 -9.09
N GLN A 135 26.64 -15.89 -9.83
CA GLN A 135 27.04 -16.05 -11.23
C GLN A 135 26.40 -15.03 -12.17
N GLU A 136 27.21 -14.10 -12.68
CA GLU A 136 26.72 -13.08 -13.59
C GLU A 136 26.20 -13.71 -14.88
N GLY A 137 24.96 -13.37 -15.23
CA GLY A 137 24.31 -13.98 -16.39
C GLY A 137 23.18 -14.91 -16.01
N ALA A 138 23.21 -15.38 -14.76
CA ALA A 138 22.18 -16.28 -14.26
C ALA A 138 20.79 -15.69 -14.45
N LYS A 139 20.56 -14.51 -13.86
CA LYS A 139 19.23 -13.90 -13.93
C LYS A 139 18.64 -14.03 -15.34
N MET A 140 19.28 -13.39 -16.31
CA MET A 140 18.85 -13.49 -17.71
C MET A 140 18.61 -14.95 -18.11
N ALA A 141 19.60 -15.80 -17.86
CA ALA A 141 19.50 -17.22 -18.23
C ALA A 141 18.27 -17.90 -17.66
N VAL A 142 18.02 -17.72 -16.36
CA VAL A 142 16.88 -18.33 -15.71
C VAL A 142 15.56 -17.84 -16.31
N ARG A 143 15.49 -16.54 -16.57
CA ARG A 143 14.29 -15.99 -17.18
C ARG A 143 14.07 -16.64 -18.52
N LEU A 144 15.16 -16.82 -19.27
CA LEU A 144 15.07 -17.35 -20.62
C LEU A 144 14.58 -18.78 -20.63
N ALA A 145 14.99 -19.56 -19.62
CA ALA A 145 14.60 -20.96 -19.53
C ALA A 145 13.14 -21.10 -19.11
N GLY A 146 12.53 -19.99 -18.71
CA GLY A 146 11.17 -19.99 -18.20
C GLY A 146 11.12 -20.38 -16.73
N GLY A 147 12.18 -20.05 -16.00
CA GLY A 147 12.27 -20.35 -14.59
C GLY A 147 11.14 -19.71 -13.81
N LEU A 148 10.83 -18.47 -14.12
CA LEU A 148 9.79 -17.72 -13.42
C LEU A 148 8.49 -18.50 -13.33
N GLN A 149 8.04 -19.01 -14.47
CA GLN A 149 6.74 -19.67 -14.52
C GLN A 149 6.81 -21.04 -13.87
N LYS A 150 8.01 -21.63 -13.88
CA LYS A 150 8.24 -22.88 -13.19
C LYS A 150 8.05 -22.60 -11.72
N MET A 151 8.85 -21.66 -11.22
CA MET A 151 8.92 -21.33 -9.81
C MET A 151 7.59 -20.88 -9.24
N VAL A 152 6.80 -20.20 -10.03
CA VAL A 152 5.50 -19.81 -9.54
C VAL A 152 4.65 -21.03 -9.28
N ALA A 153 4.77 -22.03 -10.16
CA ALA A 153 3.91 -23.20 -10.09
C ALA A 153 4.32 -24.16 -8.96
N LEU A 154 5.57 -24.07 -8.52
CA LEU A 154 6.08 -24.84 -7.40
C LEU A 154 5.61 -24.27 -6.06
N LEU A 155 4.93 -23.14 -6.10
CA LEU A 155 4.56 -22.45 -4.89
C LEU A 155 3.45 -23.14 -4.15
N ASN A 156 3.08 -24.32 -4.63
CA ASN A 156 2.06 -25.09 -3.93
C ASN A 156 2.66 -26.35 -3.31
N LYS A 157 3.96 -26.53 -3.49
CA LYS A 157 4.70 -27.51 -2.70
C LYS A 157 4.57 -27.13 -1.22
N THR A 158 4.98 -28.06 -0.38
CA THR A 158 4.51 -28.12 0.99
C THR A 158 5.63 -27.96 2.02
N ASN A 159 6.87 -28.17 1.58
CA ASN A 159 8.03 -27.93 2.42
C ASN A 159 8.36 -26.44 2.57
N VAL A 160 8.17 -25.89 3.77
CA VAL A 160 8.33 -24.45 4.01
C VAL A 160 9.75 -23.91 3.78
N LYS A 161 10.77 -24.75 4.01
CA LYS A 161 12.14 -24.35 3.72
C LYS A 161 12.28 -24.14 2.20
N PHE A 162 11.69 -25.06 1.45
CA PHE A 162 11.71 -25.02 0.00
C PHE A 162 10.93 -23.81 -0.51
N LEU A 163 9.70 -23.64 -0.05
CA LEU A 163 8.93 -22.45 -0.35
C LEU A 163 9.77 -21.17 -0.14
N ALA A 164 10.53 -21.12 0.95
CA ALA A 164 11.26 -19.93 1.31
C ALA A 164 12.33 -19.61 0.28
N ILE A 165 13.02 -20.64 -0.18
CA ILE A 165 14.09 -20.46 -1.15
C ILE A 165 13.49 -20.13 -2.52
N THR A 166 12.39 -20.82 -2.83
CA THR A 166 11.69 -20.60 -4.07
C THR A 166 11.23 -19.14 -4.16
N THR A 167 10.49 -18.69 -3.14
CA THR A 167 10.06 -17.29 -3.10
C THR A 167 11.27 -16.36 -3.20
N ASP A 168 12.40 -16.75 -2.61
CA ASP A 168 13.53 -15.85 -2.65
C ASP A 168 14.07 -15.69 -4.06
N CYS A 169 14.14 -16.82 -4.78
CA CYS A 169 14.59 -16.84 -6.17
C CYS A 169 13.75 -15.85 -6.97
N LEU A 170 12.44 -15.96 -6.77
CA LEU A 170 11.50 -15.07 -7.41
C LEU A 170 11.84 -13.61 -7.09
N GLN A 171 12.06 -13.33 -5.81
CA GLN A 171 12.40 -11.97 -5.41
C GLN A 171 13.65 -11.54 -6.16
N ILE A 172 14.67 -12.38 -6.15
CA ILE A 172 15.91 -12.07 -6.89
C ILE A 172 15.69 -11.74 -8.38
N LEU A 173 14.83 -12.51 -9.05
CA LEU A 173 14.55 -12.32 -10.47
C LEU A 173 13.62 -11.13 -10.75
N ALA A 174 12.77 -10.82 -9.78
CA ALA A 174 11.76 -9.79 -9.94
C ALA A 174 12.35 -8.40 -9.74
N TYR A 175 13.42 -8.35 -8.95
CA TYR A 175 13.94 -7.10 -8.43
C TYR A 175 14.47 -6.21 -9.56
N GLY A 176 14.02 -4.97 -9.58
CA GLY A 176 14.41 -4.05 -10.64
C GLY A 176 14.14 -4.56 -12.06
N ASN A 177 13.15 -5.43 -12.19
CA ASN A 177 12.87 -6.01 -13.49
C ASN A 177 11.38 -6.20 -13.73
N GLN A 178 10.77 -5.21 -14.40
CA GLN A 178 9.33 -5.11 -14.46
C GLN A 178 8.76 -6.20 -15.34
N GLU A 179 9.51 -6.54 -16.37
CA GLU A 179 9.10 -7.62 -17.25
C GLU A 179 8.85 -8.89 -16.42
N SER A 180 9.81 -9.24 -15.57
CA SER A 180 9.64 -10.40 -14.69
C SER A 180 8.44 -10.25 -13.77
N LYS A 181 8.23 -9.02 -13.25
CA LYS A 181 7.07 -8.76 -12.41
C LYS A 181 5.78 -9.09 -13.14
N LEU A 182 5.67 -8.59 -14.38
CA LEU A 182 4.47 -8.84 -15.17
C LEU A 182 4.28 -10.33 -15.44
N ILE A 183 5.37 -11.03 -15.80
CA ILE A 183 5.33 -12.48 -16.01
C ILE A 183 4.85 -13.25 -14.77
N ILE A 184 5.28 -12.81 -13.60
CA ILE A 184 4.87 -13.46 -12.36
C ILE A 184 3.39 -13.24 -12.14
N LEU A 185 2.94 -12.02 -12.42
CA LEU A 185 1.53 -11.67 -12.35
C LEU A 185 0.74 -12.61 -13.24
N ALA A 186 1.27 -12.85 -14.43
CA ALA A 186 0.59 -13.64 -15.44
C ALA A 186 0.51 -15.12 -15.04
N SER A 187 1.50 -15.60 -14.31
CA SER A 187 1.53 -17.00 -13.90
C SER A 187 0.65 -17.30 -12.68
N GLY A 188 -0.11 -16.31 -12.21
CA GLY A 188 -0.89 -16.47 -11.00
C GLY A 188 -0.04 -16.38 -9.73
N GLY A 189 1.17 -15.85 -9.85
CA GLY A 189 2.04 -15.63 -8.71
C GLY A 189 1.39 -14.96 -7.51
N PRO A 190 0.72 -13.82 -7.73
CA PRO A 190 0.04 -13.16 -6.62
C PRO A 190 -0.86 -14.06 -5.75
N GLN A 191 -1.68 -14.91 -6.36
CA GLN A 191 -2.60 -15.71 -5.57
C GLN A 191 -1.83 -16.77 -4.78
N ALA A 192 -0.80 -17.33 -5.42
CA ALA A 192 0.05 -18.31 -4.78
C ALA A 192 0.81 -17.71 -3.57
N LEU A 193 1.39 -16.52 -3.77
CA LEU A 193 2.15 -15.83 -2.72
C LEU A 193 1.22 -15.50 -1.58
N VAL A 194 0.00 -15.09 -1.93
CA VAL A 194 -0.97 -14.69 -0.94
C VAL A 194 -1.43 -15.91 -0.12
N ASN A 195 -1.54 -17.05 -0.78
CA ASN A 195 -1.97 -18.26 -0.08
C ASN A 195 -0.96 -18.60 1.02
N ILE A 196 0.31 -18.61 0.64
CA ILE A 196 1.43 -18.74 1.58
C ILE A 196 1.31 -17.83 2.82
N MET A 197 1.09 -16.54 2.59
CA MET A 197 0.86 -15.59 3.67
C MET A 197 -0.35 -15.93 4.55
N ARG A 198 -1.34 -16.63 3.99
CA ARG A 198 -2.55 -16.97 4.74
C ARG A 198 -2.36 -18.23 5.56
N THR A 199 -1.43 -19.07 5.12
CA THR A 199 -1.32 -20.45 5.59
C THR A 199 -0.18 -20.67 6.59
N TYR A 200 1.01 -20.18 6.25
CA TYR A 200 2.18 -20.43 7.08
C TYR A 200 2.50 -19.31 8.06
N THR A 201 3.44 -19.61 8.94
CA THR A 201 3.65 -18.85 10.14
C THR A 201 5.16 -18.88 10.41
N TYR A 202 5.86 -19.78 9.72
CA TYR A 202 7.32 -19.87 9.77
C TYR A 202 7.98 -18.56 9.30
N GLU A 203 8.77 -17.94 10.17
CA GLU A 203 9.22 -16.55 9.98
C GLU A 203 9.99 -16.32 8.69
N LYS A 204 11.04 -17.11 8.46
CA LYS A 204 11.86 -16.87 7.27
C LYS A 204 11.05 -16.93 5.98
N LEU A 205 10.08 -17.84 5.90
CA LEU A 205 9.21 -17.95 4.74
C LEU A 205 8.28 -16.73 4.61
N LEU A 206 7.66 -16.30 5.71
CA LEU A 206 6.83 -15.11 5.64
C LEU A 206 7.68 -13.92 5.21
N TRP A 207 8.96 -13.94 5.56
CA TRP A 207 9.83 -12.82 5.23
C TRP A 207 10.18 -12.77 3.73
N THR A 208 10.68 -13.90 3.20
CA THR A 208 10.98 -13.96 1.78
C THR A 208 9.71 -13.72 0.93
N THR A 209 8.56 -14.00 1.49
CA THR A 209 7.30 -13.90 0.78
C THR A 209 6.79 -12.48 0.86
N SER A 210 6.96 -11.85 2.01
CA SER A 210 6.57 -10.46 2.16
C SER A 210 7.45 -9.60 1.26
N ARG A 211 8.69 -10.05 1.02
CA ARG A 211 9.59 -9.32 0.13
C ARG A 211 9.18 -9.39 -1.33
N VAL A 212 8.93 -10.59 -1.84
CA VAL A 212 8.47 -10.69 -3.23
C VAL A 212 7.22 -9.85 -3.41
N LEU A 213 6.37 -9.86 -2.38
CA LEU A 213 5.11 -9.14 -2.45
C LEU A 213 5.36 -7.64 -2.54
N LYS A 214 6.23 -7.15 -1.66
CA LYS A 214 6.58 -5.75 -1.64
C LYS A 214 7.08 -5.32 -3.03
N VAL A 215 8.02 -6.07 -3.56
CA VAL A 215 8.57 -5.79 -4.87
C VAL A 215 7.49 -5.76 -5.97
N LEU A 216 6.49 -6.64 -5.87
CA LEU A 216 5.40 -6.63 -6.85
C LEU A 216 4.46 -5.45 -6.60
N SER A 217 4.33 -5.07 -5.33
CA SER A 217 3.38 -4.04 -4.97
C SER A 217 3.80 -2.70 -5.55
N VAL A 218 5.02 -2.62 -6.10
CA VAL A 218 5.42 -1.37 -6.73
C VAL A 218 5.09 -1.38 -8.22
N CYS A 219 4.49 -2.48 -8.67
CA CYS A 219 3.96 -2.58 -10.03
C CYS A 219 2.46 -2.28 -10.09
N SER A 220 2.10 -1.28 -10.89
CA SER A 220 0.71 -0.87 -11.11
C SER A 220 -0.25 -1.99 -11.42
N SER A 221 0.16 -2.88 -12.32
CA SER A 221 -0.69 -4.01 -12.72
C SER A 221 -0.84 -5.07 -11.61
N ASN A 222 0.21 -5.29 -10.84
CA ASN A 222 0.16 -6.28 -9.78
C ASN A 222 -0.65 -5.82 -8.56
N LYS A 223 -0.74 -4.52 -8.36
CA LYS A 223 -1.49 -4.02 -7.21
C LYS A 223 -2.89 -4.66 -7.16
N PRO A 224 -3.73 -4.41 -8.17
CA PRO A 224 -5.11 -4.90 -8.19
C PRO A 224 -5.16 -6.39 -7.99
N ALA A 225 -4.24 -7.08 -8.65
CA ALA A 225 -4.12 -8.51 -8.57
C ALA A 225 -3.79 -8.99 -7.16
N ILE A 226 -2.80 -8.38 -6.50
CA ILE A 226 -2.50 -8.73 -5.12
CA ILE A 226 -2.50 -8.76 -5.12
C ILE A 226 -3.74 -8.54 -4.27
N VAL A 227 -4.41 -7.40 -4.49
CA VAL A 227 -5.58 -7.04 -3.72
C VAL A 227 -6.74 -8.04 -3.89
N GLU A 228 -7.10 -8.32 -5.13
CA GLU A 228 -8.25 -9.19 -5.37
C GLU A 228 -8.01 -10.58 -4.82
N ALA A 229 -6.75 -10.93 -4.67
CA ALA A 229 -6.41 -12.27 -4.20
C ALA A 229 -6.47 -12.40 -2.67
N GLY A 230 -6.81 -11.31 -2.01
CA GLY A 230 -6.92 -11.29 -0.56
C GLY A 230 -5.62 -10.89 0.12
N GLY A 231 -4.81 -10.06 -0.56
CA GLY A 231 -3.49 -9.66 -0.11
C GLY A 231 -3.46 -8.76 1.11
N MET A 232 -4.44 -7.86 1.21
CA MET A 232 -4.55 -6.99 2.37
C MET A 232 -4.85 -7.81 3.62
N GLN A 233 -5.87 -8.65 3.55
CA GLN A 233 -6.29 -9.45 4.70
C GLN A 233 -5.16 -10.38 5.14
N ALA A 234 -4.46 -10.96 4.17
CA ALA A 234 -3.40 -11.91 4.45
C ALA A 234 -2.18 -11.24 5.12
N LEU A 235 -1.79 -10.08 4.60
CA LEU A 235 -0.76 -9.28 5.24
C LEU A 235 -1.21 -8.90 6.65
N GLY A 236 -2.47 -8.50 6.77
CA GLY A 236 -2.98 -8.06 8.05
C GLY A 236 -2.80 -9.10 9.13
N LEU A 237 -2.73 -10.37 8.74
CA LEU A 237 -2.66 -11.45 9.72
C LEU A 237 -1.34 -11.43 10.47
N HIS A 238 -0.36 -10.70 9.99
CA HIS A 238 0.96 -10.80 10.58
C HIS A 238 1.50 -9.50 11.15
N LEU A 239 0.60 -8.56 11.45
CA LEU A 239 1.00 -7.25 11.93
C LEU A 239 1.38 -7.26 13.42
N THR A 240 1.03 -8.33 14.15
CA THR A 240 1.47 -8.48 15.54
C THR A 240 2.54 -9.56 15.70
N ASP A 241 3.12 -9.98 14.59
CA ASP A 241 4.24 -10.90 14.61
C ASP A 241 5.39 -10.27 15.36
N PRO A 242 6.19 -11.09 16.04
CA PRO A 242 7.38 -10.61 16.76
C PRO A 242 8.48 -10.13 15.82
N SER A 243 8.56 -10.67 14.60
CA SER A 243 9.65 -10.32 13.70
C SER A 243 9.42 -8.95 13.06
N GLN A 244 10.03 -7.92 13.64
CA GLN A 244 9.90 -6.53 13.14
C GLN A 244 10.17 -6.40 11.64
N ARG A 245 11.18 -7.09 11.13
CA ARG A 245 11.43 -7.03 9.70
C ARG A 245 10.19 -7.48 8.91
N LEU A 246 9.42 -8.42 9.47
CA LEU A 246 8.20 -8.92 8.83
C LEU A 246 7.08 -7.90 8.96
N VAL A 247 6.86 -7.42 10.18
CA VAL A 247 5.79 -6.43 10.37
C VAL A 247 6.01 -5.22 9.45
N GLN A 248 7.26 -4.83 9.32
CA GLN A 248 7.66 -3.69 8.51
C GLN A 248 7.31 -3.90 7.02
N ASN A 249 7.70 -5.03 6.45
CA ASN A 249 7.31 -5.36 5.09
C ASN A 249 5.81 -5.36 4.91
N CYS A 250 5.08 -5.88 5.90
CA CYS A 250 3.62 -5.92 5.78
C CYS A 250 3.03 -4.51 5.80
N LEU A 251 3.43 -3.69 6.76
CA LEU A 251 2.86 -2.36 6.89
C LEU A 251 3.02 -1.53 5.62
N TRP A 252 4.25 -1.48 5.10
CA TRP A 252 4.54 -0.63 3.96
C TRP A 252 3.91 -1.17 2.65
N THR A 253 3.80 -2.49 2.55
CA THR A 253 3.13 -3.11 1.44
C THR A 253 1.63 -2.84 1.53
N LEU A 254 1.08 -2.97 2.74
CA LEU A 254 -0.31 -2.62 2.97
C LEU A 254 -0.59 -1.19 2.56
N ARG A 255 0.27 -0.28 3.00
CA ARG A 255 0.10 1.13 2.67
C ARG A 255 0.08 1.39 1.15
N ASN A 256 1.02 0.79 0.43
CA ASN A 256 1.13 1.02 -1.01
C ASN A 256 -0.08 0.47 -1.75
N LEU A 257 -0.73 -0.52 -1.16
CA LEU A 257 -1.84 -1.19 -1.80
C LEU A 257 -3.14 -0.51 -1.42
N SER A 258 -3.11 0.20 -0.29
CA SER A 258 -4.34 0.71 0.27
C SER A 258 -5.24 1.47 -0.72
N ASP A 259 -4.66 2.19 -1.68
CA ASP A 259 -5.51 2.98 -2.60
C ASP A 259 -6.29 2.11 -3.61
N ALA A 260 -5.76 0.92 -3.92
CA ALA A 260 -6.41 -0.06 -4.78
C ALA A 260 -7.39 -0.97 -4.03
N ALA A 261 -7.58 -0.73 -2.74
CA ALA A 261 -8.20 -1.74 -1.89
C ALA A 261 -9.54 -1.35 -1.28
N THR A 262 -10.16 -0.30 -1.80
CA THR A 262 -11.34 0.23 -1.13
C THR A 262 -12.62 -0.54 -1.32
N LYS A 263 -12.60 -1.58 -2.16
CA LYS A 263 -13.83 -2.31 -2.46
C LYS A 263 -13.88 -3.73 -1.88
N GLN A 264 -12.77 -4.18 -1.31
CA GLN A 264 -12.71 -5.48 -0.65
C GLN A 264 -13.66 -5.59 0.53
N GLU A 265 -14.14 -6.80 0.77
CA GLU A 265 -14.78 -7.09 2.04
C GLU A 265 -13.81 -7.94 2.87
N GLY A 266 -14.25 -8.41 4.02
CA GLY A 266 -13.40 -9.22 4.87
C GLY A 266 -12.22 -8.43 5.42
N MET A 267 -12.42 -7.15 5.67
CA MET A 267 -11.34 -6.26 6.11
C MET A 267 -11.46 -5.94 7.59
N GLU A 268 -12.38 -6.62 8.26
CA GLU A 268 -12.65 -6.38 9.67
C GLU A 268 -11.41 -6.47 10.54
N GLY A 269 -10.69 -7.58 10.37
CA GLY A 269 -9.55 -7.87 11.21
C GLY A 269 -8.47 -6.85 10.96
N LEU A 270 -8.24 -6.54 9.70
CA LEU A 270 -7.20 -5.58 9.37
C LEU A 270 -7.51 -4.20 9.92
N LEU A 271 -8.75 -3.76 9.75
CA LEU A 271 -9.09 -2.44 10.24
C LEU A 271 -8.91 -2.35 11.74
N GLY A 272 -9.26 -3.41 12.46
CA GLY A 272 -9.20 -3.39 13.91
C GLY A 272 -7.77 -3.29 14.41
N THR A 273 -6.89 -3.96 13.69
CA THR A 273 -5.48 -3.96 14.03
C THR A 273 -4.83 -2.60 13.73
N LEU A 274 -5.28 -1.95 12.66
CA LEU A 274 -4.74 -0.65 12.29
C LEU A 274 -5.09 0.36 13.36
N VAL A 275 -6.34 0.35 13.82
CA VAL A 275 -6.68 1.24 14.92
C VAL A 275 -5.72 1.10 16.10
N GLN A 276 -5.43 -0.14 16.49
CA GLN A 276 -4.55 -0.40 17.63
C GLN A 276 -3.15 0.09 17.34
N LEU A 277 -2.64 -0.22 16.15
CA LEU A 277 -1.32 0.26 15.77
C LEU A 277 -1.14 1.77 15.91
N LEU A 278 -2.24 2.51 15.97
CA LEU A 278 -2.14 3.95 16.19
C LEU A 278 -1.54 4.26 17.55
N GLY A 279 -1.57 3.29 18.46
CA GLY A 279 -1.06 3.46 19.81
C GLY A 279 0.40 3.07 19.92
N SER A 280 0.98 2.64 18.80
CA SER A 280 2.37 2.20 18.83
C SER A 280 3.31 3.32 19.27
N ASP A 281 4.42 2.93 19.87
CA ASP A 281 5.42 3.88 20.32
C ASP A 281 6.35 4.18 19.17
N ASP A 282 6.24 3.39 18.12
CA ASP A 282 7.13 3.59 16.99
C ASP A 282 6.51 4.60 16.02
N ILE A 283 7.20 5.71 15.79
CA ILE A 283 6.63 6.80 15.03
C ILE A 283 6.28 6.39 13.61
N ASN A 284 7.20 5.72 12.93
CA ASN A 284 6.97 5.32 11.56
C ASN A 284 5.86 4.26 11.42
N VAL A 285 5.61 3.52 12.49
CA VAL A 285 4.50 2.59 12.52
C VAL A 285 3.21 3.36 12.65
N VAL A 286 3.26 4.45 13.42
CA VAL A 286 2.08 5.27 13.58
C VAL A 286 1.74 5.99 12.27
N THR A 287 2.72 6.62 11.63
CA THR A 287 2.42 7.36 10.40
C THR A 287 1.81 6.39 9.37
N CYS A 288 2.50 5.27 9.18
CA CYS A 288 2.05 4.22 8.31
C CYS A 288 0.62 3.80 8.61
N ALA A 289 0.33 3.45 9.87
CA ALA A 289 -1.02 3.05 10.22
C ALA A 289 -2.08 4.11 9.90
N ALA A 290 -1.73 5.38 10.10
CA ALA A 290 -2.64 6.48 9.75
C ALA A 290 -2.94 6.51 8.24
N GLY A 291 -1.88 6.45 7.43
CA GLY A 291 -1.99 6.44 5.99
C GLY A 291 -2.91 5.35 5.48
N ILE A 292 -2.68 4.12 5.93
CA ILE A 292 -3.47 2.99 5.50
C ILE A 292 -4.90 3.18 5.94
N LEU A 293 -5.09 3.71 7.14
CA LEU A 293 -6.45 3.92 7.59
C LEU A 293 -7.14 5.01 6.77
N SER A 294 -6.39 6.05 6.44
CA SER A 294 -6.95 7.12 5.63
C SER A 294 -7.54 6.59 4.32
N ASN A 295 -6.73 5.86 3.56
CA ASN A 295 -7.18 5.26 2.32
C ASN A 295 -8.31 4.25 2.52
N LEU A 296 -8.11 3.30 3.44
CA LEU A 296 -9.12 2.27 3.63
C LEU A 296 -10.44 2.81 4.17
N THR A 297 -10.44 4.04 4.67
CA THR A 297 -11.73 4.68 4.95
C THR A 297 -12.32 5.51 3.78
N CYS A 298 -11.67 5.53 2.62
CA CYS A 298 -12.26 6.22 1.46
C CYS A 298 -13.49 5.51 0.91
N ASN A 299 -14.65 6.16 1.05
CA ASN A 299 -15.88 5.73 0.35
C ASN A 299 -16.58 4.39 0.77
N ASN A 300 -15.83 3.45 1.31
CA ASN A 300 -16.38 2.17 1.74
C ASN A 300 -17.09 2.29 3.10
N TYR A 301 -18.42 2.27 3.08
CA TYR A 301 -19.20 2.60 4.26
C TYR A 301 -19.06 1.52 5.34
N LYS A 302 -18.81 0.28 4.93
CA LYS A 302 -18.66 -0.79 5.90
C LYS A 302 -17.35 -0.57 6.69
N ASN A 303 -16.29 -0.23 5.97
CA ASN A 303 -15.02 0.11 6.59
C ASN A 303 -15.14 1.25 7.59
N LYS A 304 -15.99 2.22 7.29
CA LYS A 304 -16.15 3.33 8.21
C LYS A 304 -16.82 2.90 9.48
N MET A 305 -17.91 2.14 9.34
CA MET A 305 -18.64 1.66 10.52
C MET A 305 -17.77 0.81 11.44
N MET A 306 -16.99 -0.10 10.88
CA MET A 306 -16.09 -0.93 11.67
C MET A 306 -15.02 -0.10 12.40
N VAL A 307 -14.38 0.81 11.66
CA VAL A 307 -13.38 1.69 12.27
C VAL A 307 -13.99 2.47 13.42
N CYS A 308 -15.24 2.90 13.26
CA CYS A 308 -15.93 3.63 14.34
C CYS A 308 -16.22 2.71 15.51
N GLN A 309 -16.60 1.47 15.20
CA GLN A 309 -17.03 0.53 16.24
C GLN A 309 -15.88 0.08 17.14
N VAL A 310 -14.68 -0.07 16.59
CA VAL A 310 -13.53 -0.41 17.42
C VAL A 310 -12.91 0.80 18.13
N GLY A 311 -13.58 1.96 18.07
CA GLY A 311 -13.11 3.14 18.78
C GLY A 311 -12.07 3.93 18.00
N GLY A 312 -12.24 3.96 16.69
CA GLY A 312 -11.32 4.67 15.81
C GLY A 312 -11.27 6.17 15.95
N ILE A 313 -12.40 6.79 16.29
CA ILE A 313 -12.41 8.24 16.47
C ILE A 313 -11.50 8.60 17.63
N GLU A 314 -11.74 7.97 18.77
CA GLU A 314 -10.94 8.21 19.95
C GLU A 314 -9.45 8.01 19.65
N ALA A 315 -9.10 6.89 19.00
CA ALA A 315 -7.70 6.64 18.66
C ALA A 315 -7.12 7.72 17.74
N LEU A 316 -7.91 8.16 16.77
CA LEU A 316 -7.42 9.14 15.80
C LEU A 316 -7.24 10.51 16.46
N VAL A 317 -8.19 10.92 17.29
CA VAL A 317 -8.04 12.14 18.05
C VAL A 317 -6.76 12.09 18.89
N ARG A 318 -6.62 11.00 19.63
CA ARG A 318 -5.51 10.81 20.55
C ARG A 318 -4.25 10.94 19.75
N THR A 319 -4.21 10.22 18.64
CA THR A 319 -3.05 10.23 17.77
C THR A 319 -2.74 11.64 17.28
N VAL A 320 -3.76 12.44 17.03
CA VAL A 320 -3.53 13.81 16.58
C VAL A 320 -2.90 14.64 17.68
N LEU A 321 -3.42 14.52 18.90
CA LEU A 321 -2.87 15.26 20.02
C LEU A 321 -1.41 14.93 20.26
N ARG A 322 -1.11 13.64 20.25
CA ARG A 322 0.22 13.12 20.48
C ARG A 322 1.21 13.64 19.44
N ALA A 323 0.77 13.66 18.19
CA ALA A 323 1.67 14.05 17.09
C ALA A 323 2.03 15.53 17.09
N GLY A 324 1.21 16.35 17.73
CA GLY A 324 1.46 17.78 17.75
C GLY A 324 1.65 18.34 16.35
N ASP A 325 2.76 19.05 16.17
CA ASP A 325 3.15 19.66 14.90
C ASP A 325 3.61 18.67 13.81
N ARG A 326 3.73 17.38 14.14
CA ARG A 326 4.22 16.39 13.17
C ARG A 326 3.18 16.08 12.08
N GLU A 327 3.34 16.70 10.92
CA GLU A 327 2.30 16.67 9.90
C GLU A 327 2.28 15.40 9.05
N ASP A 328 3.40 14.70 8.99
CA ASP A 328 3.40 13.38 8.43
C ASP A 328 2.45 12.47 9.23
N ILE A 329 2.07 12.89 10.44
CA ILE A 329 1.09 12.14 11.20
C ILE A 329 -0.30 12.76 11.20
N THR A 330 -0.39 14.07 11.42
CA THR A 330 -1.70 14.72 11.53
C THR A 330 -2.53 14.81 10.24
N GLU A 331 -1.86 14.88 9.09
CA GLU A 331 -2.60 15.03 7.84
C GLU A 331 -3.40 13.75 7.50
N PRO A 332 -2.72 12.60 7.45
CA PRO A 332 -3.44 11.35 7.20
C PRO A 332 -4.49 11.07 8.27
N ALA A 333 -4.20 11.41 9.52
CA ALA A 333 -5.12 11.05 10.61
C ALA A 333 -6.34 11.95 10.61
N ILE A 334 -6.12 13.21 10.27
CA ILE A 334 -7.20 14.17 10.03
C ILE A 334 -8.07 13.77 8.81
N CYS A 335 -7.42 13.28 7.75
CA CYS A 335 -8.16 12.79 6.57
C CYS A 335 -9.07 11.61 6.92
N ALA A 336 -8.55 10.65 7.68
CA ALA A 336 -9.38 9.53 8.10
C ALA A 336 -10.56 10.02 8.95
N LEU A 337 -10.28 10.97 9.84
CA LEU A 337 -11.35 11.49 10.68
C LEU A 337 -12.44 12.05 9.81
N ARG A 338 -12.02 12.67 8.70
CA ARG A 338 -12.94 13.35 7.80
C ARG A 338 -13.77 12.33 7.04
N HIS A 339 -13.12 11.30 6.48
CA HIS A 339 -13.86 10.20 5.87
C HIS A 339 -14.89 9.63 6.86
N LEU A 340 -14.52 9.49 8.14
CA LEU A 340 -15.40 8.83 9.14
C LEU A 340 -16.54 9.71 9.65
N THR A 341 -16.52 10.99 9.33
CA THR A 341 -17.55 11.89 9.84
C THR A 341 -18.54 12.30 8.75
N SER A 342 -18.55 11.54 7.65
CA SER A 342 -19.63 11.69 6.69
C SER A 342 -19.93 10.43 5.88
N ARG A 343 -21.16 10.38 5.40
CA ARG A 343 -21.58 9.42 4.39
C ARG A 343 -21.55 7.95 4.83
N HIS A 344 -22.05 7.70 6.04
CA HIS A 344 -22.33 6.34 6.52
C HIS A 344 -23.28 6.38 7.70
N GLN A 345 -23.85 5.23 8.02
CA GLN A 345 -24.90 5.12 9.04
C GLN A 345 -24.48 5.64 10.41
N GLU A 346 -23.18 5.61 10.72
CA GLU A 346 -22.70 6.08 12.02
C GLU A 346 -21.91 7.40 11.97
N ALA A 347 -22.10 8.16 10.89
CA ALA A 347 -21.36 9.41 10.74
C ALA A 347 -21.71 10.43 11.83
N GLU A 348 -22.96 10.47 12.27
CA GLU A 348 -23.34 11.41 13.33
C GLU A 348 -22.70 11.00 14.65
N MET A 349 -22.70 9.70 14.92
CA MET A 349 -22.07 9.21 16.11
C MET A 349 -20.61 9.67 16.11
N ALA A 350 -19.95 9.63 14.96
CA ALA A 350 -18.54 9.99 14.87
C ALA A 350 -18.32 11.49 15.08
N GLN A 351 -19.23 12.28 14.51
CA GLN A 351 -19.19 13.73 14.68
C GLN A 351 -19.27 14.07 16.16
N ASN A 352 -20.10 13.35 16.88
CA ASN A 352 -20.24 13.59 18.31
C ASN A 352 -19.03 13.11 19.10
N ALA A 353 -18.43 12.01 18.67
CA ALA A 353 -17.31 11.42 19.40
C ALA A 353 -16.15 12.39 19.42
N VAL A 354 -15.93 13.09 18.31
CA VAL A 354 -14.82 14.03 18.23
C VAL A 354 -14.95 15.10 19.29
N ARG A 355 -16.18 15.57 19.49
CA ARG A 355 -16.43 16.51 20.59
C ARG A 355 -16.25 15.83 21.95
N LEU A 356 -16.80 14.63 22.11
CA LEU A 356 -16.74 13.94 23.40
C LEU A 356 -15.31 13.68 23.85
N HIS A 357 -14.41 13.43 22.91
CA HIS A 357 -13.04 13.09 23.25
C HIS A 357 -12.06 14.26 23.15
N TYR A 358 -12.61 15.48 23.26
CA TYR A 358 -11.83 16.71 23.29
C TYR A 358 -11.09 17.01 22.00
N GLY A 359 -11.64 16.54 20.90
CA GLY A 359 -11.04 16.79 19.61
C GLY A 359 -11.24 18.18 19.05
N LEU A 360 -12.29 18.88 19.47
CA LEU A 360 -12.62 20.13 18.79
C LEU A 360 -11.54 21.23 18.89
N PRO A 361 -10.93 21.40 20.08
CA PRO A 361 -9.86 22.40 20.17
C PRO A 361 -8.59 22.02 19.40
N VAL A 362 -8.19 20.75 19.35
CA VAL A 362 -7.01 20.46 18.54
C VAL A 362 -7.30 20.68 17.06
N VAL A 363 -8.49 20.27 16.63
CA VAL A 363 -8.92 20.41 15.23
C VAL A 363 -8.85 21.86 14.78
N VAL A 364 -9.58 22.72 15.49
CA VAL A 364 -9.59 24.13 15.16
C VAL A 364 -8.18 24.75 15.21
N LYS A 365 -7.38 24.33 16.20
CA LYS A 365 -5.99 24.76 16.32
C LYS A 365 -5.16 24.46 15.08
N LEU A 366 -5.42 23.32 14.43
CA LEU A 366 -4.66 22.96 13.23
C LEU A 366 -4.90 23.89 12.04
N LEU A 367 -5.93 24.74 12.12
CA LEU A 367 -6.14 25.76 11.10
C LEU A 367 -5.06 26.85 11.21
N HIS A 368 -4.31 26.87 12.31
CA HIS A 368 -3.25 27.86 12.48
C HIS A 368 -1.87 27.34 12.10
N PRO A 369 -0.92 28.27 11.93
CA PRO A 369 0.49 27.90 11.78
C PRO A 369 0.98 27.13 13.00
N PRO A 370 1.96 26.23 12.81
CA PRO A 370 2.71 26.01 11.58
C PRO A 370 2.08 25.07 10.54
N SER A 371 0.77 24.91 10.52
CA SER A 371 0.16 23.98 9.57
C SER A 371 0.37 24.45 8.14
N HIS A 372 0.64 23.52 7.23
CA HIS A 372 0.71 23.86 5.81
C HIS A 372 -0.63 23.60 5.14
N TRP A 373 -0.77 24.08 3.91
CA TRP A 373 -2.05 24.03 3.19
C TRP A 373 -2.74 22.66 3.11
N PRO A 374 -1.98 21.60 2.82
CA PRO A 374 -2.62 20.28 2.73
C PRO A 374 -3.32 19.88 4.03
N LEU A 375 -2.67 20.11 5.16
CA LEU A 375 -3.30 19.79 6.44
C LEU A 375 -4.53 20.67 6.69
N ILE A 376 -4.41 21.96 6.35
CA ILE A 376 -5.48 22.94 6.51
C ILE A 376 -6.69 22.62 5.64
N LYS A 377 -6.40 22.16 4.42
CA LYS A 377 -7.42 21.64 3.54
C LYS A 377 -8.21 20.53 4.24
N ALA A 378 -7.49 19.50 4.69
CA ALA A 378 -8.14 18.35 5.32
C ALA A 378 -8.96 18.77 6.54
N THR A 379 -8.42 19.72 7.30
CA THR A 379 -9.00 20.15 8.56
C THR A 379 -10.30 20.92 8.35
N VAL A 380 -10.28 21.88 7.42
CA VAL A 380 -11.49 22.57 7.02
C VAL A 380 -12.52 21.55 6.54
N GLY A 381 -12.11 20.58 5.73
CA GLY A 381 -13.00 19.47 5.39
C GLY A 381 -13.62 18.73 6.57
N LEU A 382 -12.81 18.45 7.59
CA LEU A 382 -13.25 17.80 8.82
C LEU A 382 -14.27 18.67 9.58
N ILE A 383 -13.91 19.94 9.75
CA ILE A 383 -14.77 20.91 10.44
C ILE A 383 -16.13 21.04 9.75
N ARG A 384 -16.13 20.99 8.42
CA ARG A 384 -17.37 20.98 7.67
C ARG A 384 -18.28 19.86 8.14
N ASN A 385 -17.77 18.62 8.11
CA ASN A 385 -18.57 17.49 8.58
C ASN A 385 -18.95 17.66 10.03
N LEU A 386 -18.01 18.18 10.83
CA LEU A 386 -18.27 18.30 12.26
C LEU A 386 -19.51 19.16 12.52
N ALA A 387 -19.68 20.17 11.67
CA ALA A 387 -20.74 21.15 11.82
C ALA A 387 -22.14 20.60 11.49
N LEU A 388 -22.20 19.46 10.81
CA LEU A 388 -23.49 18.79 10.52
C LEU A 388 -24.20 18.39 11.80
N CYS A 389 -23.42 18.12 12.86
CA CYS A 389 -23.96 17.78 14.16
C CYS A 389 -24.33 19.04 14.93
N PRO A 390 -25.62 19.23 15.19
CA PRO A 390 -26.10 20.43 15.87
C PRO A 390 -25.35 20.70 17.17
N ALA A 391 -25.03 19.65 17.91
CA ALA A 391 -24.36 19.80 19.19
C ALA A 391 -22.94 20.36 19.01
N ASN A 392 -22.51 20.44 17.75
CA ASN A 392 -21.18 20.98 17.47
C ASN A 392 -21.21 22.45 17.05
N HIS A 393 -22.40 22.98 16.75
CA HIS A 393 -22.47 24.36 16.28
C HIS A 393 -21.87 25.34 17.28
N ALA A 394 -22.32 25.25 18.54
CA ALA A 394 -21.89 26.18 19.59
C ALA A 394 -20.44 25.97 20.02
N PRO A 395 -20.05 24.72 20.31
CA PRO A 395 -18.67 24.44 20.72
C PRO A 395 -17.67 24.90 19.66
N LEU A 396 -17.94 24.60 18.40
CA LEU A 396 -17.11 25.08 17.29
C LEU A 396 -17.03 26.61 17.26
N ARG A 397 -18.16 27.27 17.48
CA ARG A 397 -18.16 28.72 17.53
C ARG A 397 -17.23 29.17 18.66
N GLU A 398 -17.31 28.48 19.80
CA GLU A 398 -16.52 28.88 20.95
C GLU A 398 -15.02 28.75 20.70
N GLN A 399 -14.63 27.73 19.95
CA GLN A 399 -13.22 27.56 19.58
C GLN A 399 -12.70 28.62 18.61
N GLY A 400 -13.59 29.47 18.11
CA GLY A 400 -13.23 30.47 17.12
C GLY A 400 -13.10 29.94 15.71
N ALA A 401 -13.80 28.85 15.40
CA ALA A 401 -13.79 28.33 14.04
C ALA A 401 -14.18 29.39 12.97
N ILE A 402 -15.22 30.17 13.24
CA ILE A 402 -15.79 31.05 12.21
C ILE A 402 -14.85 32.18 11.74
N PRO A 403 -14.41 33.03 12.69
CA PRO A 403 -13.45 34.08 12.30
C PRO A 403 -12.22 33.47 11.62
N ARG A 404 -11.74 32.34 12.11
CA ARG A 404 -10.57 31.72 11.49
C ARG A 404 -10.88 31.19 10.09
N LEU A 405 -12.06 30.60 9.90
CA LEU A 405 -12.41 30.10 8.56
C LEU A 405 -12.48 31.29 7.61
N VAL A 406 -13.15 32.35 8.05
CA VAL A 406 -13.31 33.56 7.24
C VAL A 406 -11.98 34.18 6.83
N GLN A 407 -10.97 34.08 7.69
CA GLN A 407 -9.66 34.60 7.36
C GLN A 407 -9.01 33.75 6.28
N LEU A 408 -9.05 32.45 6.46
CA LEU A 408 -8.48 31.53 5.48
C LEU A 408 -9.16 31.76 4.14
N LEU A 409 -10.48 31.95 4.18
CA LEU A 409 -11.26 32.24 2.98
C LEU A 409 -10.81 33.51 2.26
N VAL A 410 -10.80 34.62 2.99
CA VAL A 410 -10.41 35.91 2.43
C VAL A 410 -9.01 35.87 1.83
N ARG A 411 -8.07 35.29 2.57
CA ARG A 411 -6.70 35.16 2.10
C ARG A 411 -6.75 34.43 0.78
N ALA A 412 -7.29 33.22 0.81
CA ALA A 412 -7.38 32.38 -0.37
C ALA A 412 -7.92 33.13 -1.58
N HIS A 413 -9.02 33.84 -1.38
CA HIS A 413 -9.72 34.54 -2.46
C HIS A 413 -8.87 35.66 -3.04
N GLN A 414 -8.05 36.30 -2.20
CA GLN A 414 -7.13 37.32 -2.66
C GLN A 414 -6.04 36.74 -3.54
N ASP A 415 -5.58 35.54 -3.22
CA ASP A 415 -4.54 34.91 -4.01
C ASP A 415 -5.07 34.57 -5.40
N THR A 416 -6.32 34.14 -5.46
CA THR A 416 -6.97 33.85 -6.73
C THR A 416 -7.24 35.13 -7.53
N GLN A 417 -7.21 36.27 -6.85
CA GLN A 417 -7.37 37.56 -7.53
C GLN A 417 -6.00 38.14 -7.90
N ARG A 418 -5.39 37.54 -8.93
CA ARG A 418 -4.12 37.97 -9.50
C ARG A 418 -3.44 36.80 -10.20
N GLU A 431 2.96 26.56 -3.63
CA GLU A 431 1.62 25.97 -3.68
C GLU A 431 1.44 24.76 -2.74
N GLY A 432 1.34 23.57 -3.31
CA GLY A 432 0.96 22.38 -2.57
C GLY A 432 -0.51 22.11 -2.80
N VAL A 433 -1.30 23.17 -2.69
CA VAL A 433 -2.74 23.12 -2.90
C VAL A 433 -3.15 24.28 -3.82
N ARG A 434 -4.36 24.24 -4.36
CA ARG A 434 -4.88 25.40 -5.05
C ARG A 434 -5.79 26.16 -4.10
N MET A 435 -5.75 27.49 -4.18
CA MET A 435 -6.59 28.31 -3.31
C MET A 435 -8.08 28.17 -3.61
N GLU A 436 -8.41 27.56 -4.73
CA GLU A 436 -9.81 27.31 -5.07
C GLU A 436 -10.41 26.32 -4.10
N GLU A 437 -9.66 25.26 -3.83
CA GLU A 437 -10.08 24.26 -2.86
C GLU A 437 -10.31 24.89 -1.48
N ILE A 438 -9.39 25.78 -1.07
CA ILE A 438 -9.50 26.43 0.23
C ILE A 438 -10.72 27.34 0.28
N VAL A 439 -10.97 28.02 -0.84
CA VAL A 439 -12.13 28.89 -0.97
C VAL A 439 -13.44 28.10 -0.95
N GLU A 440 -13.47 26.99 -1.70
CA GLU A 440 -14.63 26.08 -1.69
C GLU A 440 -14.79 25.52 -0.28
N GLY A 441 -13.70 24.92 0.20
CA GLY A 441 -13.67 24.30 1.51
C GLY A 441 -14.20 25.22 2.58
N CYS A 442 -13.62 26.43 2.63
CA CYS A 442 -13.94 27.37 3.71
C CYS A 442 -15.39 27.78 3.63
N THR A 443 -15.82 28.13 2.43
CA THR A 443 -17.20 28.56 2.23
C THR A 443 -18.15 27.43 2.56
N GLY A 444 -17.79 26.22 2.12
CA GLY A 444 -18.58 25.05 2.44
C GLY A 444 -18.69 24.83 3.94
N ALA A 445 -17.61 25.03 4.67
CA ALA A 445 -17.70 24.89 6.11
C ALA A 445 -18.63 25.92 6.72
N LEU A 446 -18.54 27.16 6.25
CA LEU A 446 -19.40 28.21 6.79
C LEU A 446 -20.87 27.94 6.43
N HIS A 447 -21.10 27.41 5.22
CA HIS A 447 -22.44 27.05 4.79
C HIS A 447 -23.08 26.17 5.85
N ILE A 448 -22.33 25.18 6.32
CA ILE A 448 -22.87 24.26 7.32
C ILE A 448 -23.02 24.94 8.68
N LEU A 449 -22.06 25.78 9.07
CA LEU A 449 -22.15 26.48 10.34
C LEU A 449 -23.32 27.49 10.36
N ALA A 450 -23.72 27.98 9.20
CA ALA A 450 -24.85 28.91 9.11
C ALA A 450 -26.22 28.31 9.50
N ARG A 451 -26.31 26.99 9.68
CA ARG A 451 -27.58 26.41 10.11
C ARG A 451 -28.04 26.98 11.46
N ASP A 452 -27.09 27.28 12.33
CA ASP A 452 -27.37 27.86 13.64
C ASP A 452 -27.50 29.38 13.58
N VAL A 453 -28.57 29.87 14.19
CA VAL A 453 -28.90 31.29 14.22
C VAL A 453 -27.82 32.23 14.82
N HIS A 454 -27.17 31.84 15.91
CA HIS A 454 -26.14 32.68 16.52
C HIS A 454 -24.89 32.68 15.64
N ASN A 455 -24.65 31.55 14.99
CA ASN A 455 -23.57 31.49 14.02
C ASN A 455 -23.81 32.42 12.84
N ARG A 456 -25.07 32.55 12.43
CA ARG A 456 -25.40 33.43 11.32
C ARG A 456 -25.01 34.87 11.67
N ILE A 457 -25.33 35.26 12.91
CA ILE A 457 -25.05 36.60 13.38
C ILE A 457 -23.56 36.91 13.41
N VAL A 458 -22.77 35.97 13.91
CA VAL A 458 -21.32 36.08 13.88
C VAL A 458 -20.81 36.17 12.44
N ILE A 459 -21.50 35.49 11.52
CA ILE A 459 -21.05 35.40 10.13
C ILE A 459 -21.22 36.69 9.35
N ARG A 460 -22.44 37.20 9.25
CA ARG A 460 -22.62 38.48 8.56
C ARG A 460 -21.87 39.50 9.38
N GLY A 461 -21.83 39.24 10.68
CA GLY A 461 -21.10 40.06 11.62
C GLY A 461 -19.71 40.43 11.13
N LEU A 462 -19.05 39.51 10.42
CA LEU A 462 -17.69 39.77 9.96
C LEU A 462 -17.63 40.42 8.57
N ASN A 463 -18.76 41.00 8.14
CA ASN A 463 -18.88 41.66 6.84
C ASN A 463 -18.60 40.74 5.67
N THR A 464 -19.15 39.54 5.74
CA THR A 464 -18.84 38.52 4.76
C THR A 464 -19.79 38.55 3.55
N ILE A 465 -21.01 39.04 3.78
CA ILE A 465 -22.05 39.03 2.74
C ILE A 465 -21.64 39.61 1.38
N PRO A 466 -20.85 40.68 1.37
CA PRO A 466 -20.37 41.11 0.06
C PRO A 466 -19.45 40.06 -0.55
N LEU A 467 -18.53 39.52 0.24
CA LEU A 467 -17.62 38.48 -0.26
C LEU A 467 -18.36 37.26 -0.86
N PHE A 468 -19.44 36.83 -0.23
CA PHE A 468 -20.20 35.67 -0.70
C PHE A 468 -20.99 35.98 -1.96
N VAL A 469 -21.38 37.23 -2.13
CA VAL A 469 -22.05 37.64 -3.37
C VAL A 469 -21.06 37.73 -4.52
N GLN A 470 -19.88 38.28 -4.27
CA GLN A 470 -18.92 38.39 -5.36
C GLN A 470 -18.38 37.04 -5.74
N LEU A 471 -18.52 36.08 -4.83
CA LEU A 471 -18.16 34.68 -5.09
C LEU A 471 -19.06 34.05 -6.15
N LEU A 472 -20.33 34.46 -6.16
CA LEU A 472 -21.27 33.98 -7.16
C LEU A 472 -20.72 34.09 -8.59
N TYR A 473 -19.83 35.06 -8.81
CA TYR A 473 -19.24 35.29 -10.14
C TYR A 473 -18.01 34.42 -10.45
N SER A 474 -17.53 33.65 -9.48
CA SER A 474 -16.41 32.74 -9.75
C SER A 474 -16.65 31.83 -10.98
N PRO A 475 -15.57 31.53 -11.72
CA PRO A 475 -15.64 30.59 -12.85
C PRO A 475 -15.90 29.15 -12.37
N ILE A 476 -15.31 28.77 -11.24
CA ILE A 476 -15.52 27.44 -10.67
C ILE A 476 -16.96 27.31 -10.19
N GLU A 477 -17.65 26.27 -10.65
CA GLU A 477 -19.04 26.06 -10.26
C GLU A 477 -19.16 25.60 -8.80
N ASN A 478 -18.24 24.74 -8.36
CA ASN A 478 -18.13 24.39 -6.94
C ASN A 478 -18.13 25.62 -6.03
N ILE A 479 -17.44 26.67 -6.46
CA ILE A 479 -17.38 27.85 -5.63
C ILE A 479 -18.73 28.58 -5.66
N GLN A 480 -19.35 28.61 -6.83
CA GLN A 480 -20.64 29.27 -6.96
C GLN A 480 -21.69 28.53 -6.13
N ARG A 481 -21.50 27.21 -5.99
CA ARG A 481 -22.46 26.41 -5.26
C ARG A 481 -22.38 26.71 -3.76
N VAL A 482 -21.20 26.58 -3.18
CA VAL A 482 -21.06 26.87 -1.74
C VAL A 482 -21.42 28.34 -1.41
N ALA A 483 -21.13 29.25 -2.33
CA ALA A 483 -21.48 30.65 -2.11
C ALA A 483 -23.00 30.82 -2.06
N ALA A 484 -23.68 30.23 -3.04
CA ALA A 484 -25.14 30.25 -3.05
C ALA A 484 -25.72 29.49 -1.83
N GLY A 485 -25.07 28.41 -1.43
CA GLY A 485 -25.47 27.70 -0.24
C GLY A 485 -25.46 28.54 1.02
N VAL A 486 -24.37 29.26 1.25
CA VAL A 486 -24.25 30.00 2.51
C VAL A 486 -25.22 31.18 2.46
N LEU A 487 -25.37 31.76 1.28
CA LEU A 487 -26.31 32.85 1.10
C LEU A 487 -27.71 32.35 1.37
N CYS A 488 -28.01 31.13 0.94
CA CYS A 488 -29.32 30.53 1.15
C CYS A 488 -29.69 30.42 2.62
N GLU A 489 -28.77 29.89 3.43
CA GLU A 489 -28.98 29.78 4.88
C GLU A 489 -29.12 31.15 5.52
N LEU A 490 -28.25 32.09 5.14
CA LEU A 490 -28.28 33.40 5.76
C LEU A 490 -29.63 34.05 5.51
N ALA A 491 -30.14 33.86 4.30
CA ALA A 491 -31.31 34.58 3.85
C ALA A 491 -32.58 34.22 4.62
N GLN A 492 -32.57 33.08 5.31
CA GLN A 492 -33.70 32.68 6.15
C GLN A 492 -34.02 33.75 7.20
N ASP A 493 -33.03 34.57 7.51
CA ASP A 493 -33.26 35.72 8.37
C ASP A 493 -33.51 36.98 7.53
N LYS A 494 -34.53 37.75 7.91
CA LYS A 494 -34.93 38.92 7.12
C LYS A 494 -33.86 40.02 6.93
N GLU A 495 -33.29 40.53 8.02
CA GLU A 495 -32.22 41.52 7.90
C GLU A 495 -31.15 41.09 6.91
N ALA A 496 -30.65 39.87 7.11
CA ALA A 496 -29.67 39.24 6.23
C ALA A 496 -30.10 39.28 4.76
N ALA A 497 -31.35 38.90 4.53
CA ALA A 497 -31.93 38.82 3.19
C ALA A 497 -31.99 40.18 2.53
N GLU A 498 -32.32 41.22 3.32
CA GLU A 498 -32.28 42.58 2.83
C GLU A 498 -30.84 42.96 2.54
N ALA A 499 -29.94 42.61 3.44
CA ALA A 499 -28.52 42.87 3.24
C ALA A 499 -28.04 42.26 1.92
N ILE A 500 -28.35 40.99 1.72
CA ILE A 500 -28.01 40.27 0.50
C ILE A 500 -28.68 40.89 -0.75
N GLU A 501 -29.89 41.38 -0.59
CA GLU A 501 -30.63 42.04 -1.66
C GLU A 501 -29.93 43.36 -2.00
N ALA A 502 -29.42 44.02 -0.97
CA ALA A 502 -28.72 45.29 -1.12
C ALA A 502 -27.40 45.14 -1.88
N GLU A 503 -26.81 43.96 -1.83
CA GLU A 503 -25.57 43.70 -2.56
C GLU A 503 -25.80 43.42 -4.04
N GLY A 504 -27.06 43.46 -4.46
CA GLY A 504 -27.39 43.17 -5.84
C GLY A 504 -27.31 41.69 -6.19
N ALA A 505 -27.50 40.83 -5.19
CA ALA A 505 -27.42 39.39 -5.40
C ALA A 505 -28.46 38.88 -6.41
N THR A 506 -29.62 39.53 -6.45
CA THR A 506 -30.70 39.14 -7.36
C THR A 506 -30.26 38.94 -8.81
N ALA A 507 -29.35 39.78 -9.32
CA ALA A 507 -28.90 39.66 -10.70
C ALA A 507 -28.19 38.34 -10.99
N PRO A 508 -27.04 38.11 -10.35
CA PRO A 508 -26.28 36.86 -10.57
C PRO A 508 -27.09 35.61 -10.22
N LEU A 509 -27.90 35.67 -9.17
CA LEU A 509 -28.73 34.54 -8.76
C LEU A 509 -29.71 34.14 -9.86
N THR A 510 -30.33 35.16 -10.45
CA THR A 510 -31.27 34.95 -11.54
C THR A 510 -30.58 34.30 -12.74
N GLU A 511 -29.32 34.67 -12.99
CA GLU A 511 -28.54 34.08 -14.06
C GLU A 511 -28.09 32.65 -13.76
N LEU A 512 -27.53 32.44 -12.57
CA LEU A 512 -27.12 31.11 -12.17
C LEU A 512 -28.31 30.17 -12.21
N LEU A 513 -29.51 30.75 -12.21
CA LEU A 513 -30.74 29.98 -12.27
C LEU A 513 -30.71 29.02 -13.45
N HIS A 514 -29.81 29.29 -14.40
CA HIS A 514 -29.70 28.47 -15.60
C HIS A 514 -28.30 27.83 -15.72
N SER A 515 -27.59 27.73 -14.60
CA SER A 515 -26.31 27.04 -14.57
C SER A 515 -26.47 25.60 -15.04
N ARG A 516 -25.47 25.07 -15.72
CA ARG A 516 -25.43 23.66 -16.05
C ARG A 516 -25.43 22.84 -14.77
N ASN A 517 -24.66 23.32 -13.79
CA ASN A 517 -24.48 22.67 -12.51
C ASN A 517 -25.75 22.61 -11.66
N GLU A 518 -26.19 21.39 -11.37
CA GLU A 518 -27.47 21.19 -10.72
C GLU A 518 -27.56 21.97 -9.41
N GLY A 519 -26.66 21.65 -8.47
CA GLY A 519 -26.58 22.34 -7.20
C GLY A 519 -26.57 23.86 -7.27
N VAL A 520 -25.72 24.42 -8.12
CA VAL A 520 -25.71 25.86 -8.29
C VAL A 520 -27.13 26.35 -8.53
N ALA A 521 -27.78 25.81 -9.55
CA ALA A 521 -29.10 26.26 -9.94
C ALA A 521 -30.09 26.02 -8.80
N THR A 522 -29.90 24.91 -8.09
CA THR A 522 -30.84 24.56 -7.05
C THR A 522 -30.80 25.58 -5.91
N TYR A 523 -29.59 25.95 -5.48
CA TYR A 523 -29.43 26.98 -4.45
C TYR A 523 -29.90 28.39 -4.89
N ALA A 524 -29.54 28.81 -6.12
CA ALA A 524 -29.97 30.11 -6.64
C ALA A 524 -31.48 30.26 -6.50
N ALA A 525 -32.22 29.22 -6.88
CA ALA A 525 -33.66 29.20 -6.72
C ALA A 525 -34.01 29.35 -5.24
N ALA A 526 -33.40 28.50 -4.43
CA ALA A 526 -33.54 28.56 -2.98
C ALA A 526 -33.34 29.97 -2.44
N VAL A 527 -32.26 30.64 -2.84
CA VAL A 527 -31.98 31.98 -2.29
C VAL A 527 -32.99 33.02 -2.72
N LEU A 528 -33.28 33.05 -4.01
CA LEU A 528 -34.25 33.99 -4.56
C LEU A 528 -35.61 33.78 -3.90
N PHE A 529 -36.02 32.52 -3.78
CA PHE A 529 -37.20 32.16 -2.99
C PHE A 529 -37.22 33.00 -1.69
N ARG A 530 -36.24 32.78 -0.83
CA ARG A 530 -36.18 33.39 0.49
C ARG A 530 -35.98 34.90 0.46
N MET A 531 -35.39 35.41 -0.62
CA MET A 531 -35.13 36.84 -0.72
C MET A 531 -36.40 37.65 -0.74
N SER A 532 -37.44 37.10 -1.34
CA SER A 532 -38.70 37.79 -1.43
C SER A 532 -39.81 36.99 -0.76
N GLU A 533 -39.77 36.94 0.57
CA GLU A 533 -40.79 36.27 1.36
C GLU A 533 -41.78 37.27 1.93
N ASP A 534 -41.27 38.25 2.68
CA ASP A 534 -42.08 39.26 3.34
C ASP A 534 -42.60 38.78 4.69
N GLY B 15 -29.29 17.38 7.55
CA GLY B 15 -28.84 16.38 6.60
C GLY B 15 -27.64 16.84 5.79
N ASP B 16 -26.90 15.89 5.24
CA ASP B 16 -25.77 16.21 4.37
C ASP B 16 -26.25 16.24 2.93
N PRO B 17 -26.20 17.41 2.28
CA PRO B 17 -26.65 17.52 0.89
C PRO B 17 -25.70 16.82 -0.07
N GLU B 18 -24.41 16.75 0.30
CA GLU B 18 -23.38 16.23 -0.60
C GLU B 18 -23.10 14.74 -0.42
N LEU B 19 -24.15 13.94 -0.36
CA LEU B 19 -24.01 12.50 -0.17
C LEU B 19 -23.25 11.76 -1.27
N CYS B 20 -22.88 12.45 -2.33
CA CYS B 20 -22.22 11.79 -3.45
C CYS B 20 -20.75 12.11 -3.52
N ALA B 21 -20.32 13.11 -2.74
CA ALA B 21 -18.90 13.50 -2.72
C ALA B 21 -18.00 12.33 -2.40
N THR B 22 -16.93 12.15 -3.17
CA THR B 22 -15.99 11.09 -2.91
C THR B 22 -14.90 11.46 -1.89
N ASP B 23 -14.46 10.47 -1.13
CA ASP B 23 -13.26 10.60 -0.32
C ASP B 23 -12.05 10.40 -1.25
N GLU B 24 -10.96 11.09 -0.93
CA GLU B 24 -9.81 11.20 -1.80
C GLU B 24 -8.64 10.33 -1.34
N MET B 25 -8.31 9.33 -2.15
CA MET B 25 -7.19 8.46 -1.82
CA MET B 25 -7.18 8.46 -1.88
C MET B 25 -5.88 9.23 -1.84
N ILE B 26 -4.96 8.81 -0.99
CA ILE B 26 -3.60 9.33 -1.02
C ILE B 26 -2.82 8.23 -1.73
N PRO B 27 -2.14 8.54 -2.84
CA PRO B 27 -1.49 7.50 -3.62
C PRO B 27 -0.07 7.17 -3.13
N PHE B 28 0.05 6.31 -2.11
CA PHE B 28 1.37 6.03 -1.53
C PHE B 28 2.25 5.23 -2.48
N LYS B 29 3.55 5.44 -2.38
CA LYS B 29 4.53 4.71 -3.17
C LYS B 29 5.85 4.64 -2.40
N ASP B 30 6.94 4.59 -3.15
CA ASP B 30 8.27 4.66 -2.57
C ASP B 30 8.82 6.07 -2.76
N GLU B 31 8.36 7.00 -1.93
CA GLU B 31 8.76 8.39 -2.04
C GLU B 31 9.29 8.97 -0.71
N GLY B 32 9.90 10.16 -0.80
CA GLY B 32 10.43 10.82 0.38
C GLY B 32 11.75 10.26 0.86
N ASP B 33 12.05 10.49 2.14
CA ASP B 33 13.26 9.95 2.78
C ASP B 33 13.04 8.46 3.07
N PRO B 34 13.97 7.62 2.57
CA PRO B 34 13.85 6.16 2.69
C PRO B 34 13.93 5.65 4.13
N GLN B 35 14.22 6.53 5.08
CA GLN B 35 14.29 6.18 6.50
C GLN B 35 12.96 6.37 7.25
N LYS B 36 12.00 7.05 6.61
CA LYS B 36 10.66 7.24 7.20
C LYS B 36 9.69 6.16 6.70
N GLU B 37 10.21 5.26 5.89
CA GLU B 37 9.41 4.14 5.42
C GLU B 37 9.96 2.79 5.88
N LYS B 38 10.82 2.86 6.90
CA LYS B 38 11.24 1.69 7.67
C LYS B 38 10.67 1.89 9.07
N ILE B 39 10.72 0.83 9.89
CA ILE B 39 10.46 0.97 11.31
C ILE B 39 11.58 1.80 11.94
N PHE B 40 11.19 2.91 12.59
CA PHE B 40 12.17 3.81 13.22
C PHE B 40 13.17 3.04 14.07
N ALA B 41 12.67 2.09 14.86
CA ALA B 41 13.49 1.28 15.74
C ALA B 41 14.56 0.51 14.99
N GLU B 42 15.69 0.28 15.66
CA GLU B 42 16.79 -0.51 15.10
C GLU B 42 16.45 -2.00 14.99
N ILE B 43 16.82 -2.61 13.87
CA ILE B 43 16.62 -4.04 13.67
C ILE B 43 17.90 -4.77 13.22
N SER B 44 18.21 -5.88 13.88
CA SER B 44 19.38 -6.67 13.50
C SER B 44 19.38 -8.07 14.12
N HIS B 45 18.30 -8.83 13.92
CA HIS B 45 18.23 -10.19 14.45
C HIS B 45 19.10 -11.16 13.66
N GLU B 49 23.62 -12.43 2.76
CA GLU B 49 23.05 -13.70 3.19
C GLU B 49 23.48 -14.02 4.62
N GLY B 50 23.63 -15.31 4.93
CA GLY B 50 23.85 -15.75 6.29
C GLY B 50 22.48 -16.06 6.88
N ASP B 51 21.46 -15.72 6.10
CA ASP B 51 20.08 -15.92 6.50
C ASP B 51 19.53 -17.20 5.86
N LEU B 52 19.48 -17.22 4.53
CA LEU B 52 18.96 -18.37 3.80
C LEU B 52 20.04 -19.44 3.65
N ALA B 53 21.29 -19.03 3.83
CA ALA B 53 22.39 -19.97 3.78
C ALA B 53 22.07 -21.17 4.68
N ASP B 54 21.63 -20.87 5.90
CA ASP B 54 21.32 -21.90 6.88
C ASP B 54 20.22 -22.88 6.47
N ILE B 55 19.14 -22.37 5.88
CA ILE B 55 18.03 -23.24 5.52
C ILE B 55 18.28 -24.00 4.21
N LYS B 56 19.12 -23.46 3.35
CA LYS B 56 19.58 -24.20 2.18
C LYS B 56 20.35 -25.44 2.64
N SER B 57 21.20 -25.25 3.64
CA SER B 57 21.95 -26.36 4.21
C SER B 57 21.02 -27.50 4.59
N SER B 58 19.95 -27.16 5.30
CA SER B 58 19.00 -28.15 5.78
C SER B 58 18.39 -28.99 4.66
N LEU B 59 17.88 -28.32 3.62
CA LEU B 59 17.30 -29.03 2.48
C LEU B 59 18.28 -29.99 1.80
N VAL B 60 19.55 -29.62 1.73
CA VAL B 60 20.56 -30.47 1.11
C VAL B 60 20.72 -31.78 1.90
N ASN B 61 20.56 -31.69 3.21
CA ASN B 61 20.64 -32.87 4.05
C ASN B 61 19.50 -33.83 3.78
N GLU B 62 18.27 -33.31 3.77
CA GLU B 62 17.08 -34.12 3.55
C GLU B 62 17.22 -35.07 2.35
N SER B 63 17.78 -34.57 1.26
CA SER B 63 17.89 -35.36 0.03
C SER B 63 18.95 -36.48 0.11
N GLU B 64 18.83 -37.34 1.11
CA GLU B 64 19.68 -38.52 1.25
C GLU B 64 19.40 -39.32 2.52
#